data_7Z3U
#
_entry.id   7Z3U
#
_cell.length_a   67.692
_cell.length_b   99.598
_cell.length_c   103.261
_cell.angle_alpha   90.000
_cell.angle_beta   90.000
_cell.angle_gamma   90.000
#
_symmetry.space_group_name_H-M   'P 21 21 21'
#
loop_
_entity.id
_entity.type
_entity.pdbx_description
1 polymer '3C-like proteinase nsp5'
2 polymer Calpetin
3 non-polymer 'DIMETHYL SULFOXIDE'
4 non-polymer 'SODIUM ION'
5 non-polymer 'CHLORIDE ION'
6 water water
#
loop_
_entity_poly.entity_id
_entity_poly.type
_entity_poly.pdbx_seq_one_letter_code
_entity_poly.pdbx_strand_id
1 'polypeptide(L)'
;SGFRKMAFPSGKVEGCMVQVT(CSO)GTTTLNGLWLDDVVYCPRHVI(CSO)TSEDMLNPNYEDLLIRKSNHNFLVQAGN
VQLRVIGHSMQNCVLKLKVDTANPKTPKYKFVRIQPGQTFSVLACYNGSPSGVYQCAMRPNFTIKGSFLNGSCGSVGFNI
DYD(CSO)VSFCYMHHMELPTGVHAGTDLEGNFYGPFVDRQTAQAAGTDTTITVNVLAWLYAAVINGDRWFLNRFTTTLN
DFNLVAMKYNYEPLTQDHVDILGPLSAQTGIAVLDMCASLKELLQNGMNGRTILGSALLEDEFTPFDVVRQCSGVTFQ
;
A,B
2 'polypeptide(L)' (P6S)L(EJM) F,G
#
# COMPACT_ATOMS: atom_id res chain seq x y z
N SER A 1 -13.28 -4.62 10.52
CA SER A 1 -13.51 -3.40 9.68
C SER A 1 -12.24 -2.57 9.42
N GLY A 2 -12.42 -1.34 8.98
CA GLY A 2 -11.33 -0.52 8.50
C GLY A 2 -11.35 -0.41 6.98
N PHE A 3 -10.65 0.62 6.49
CA PHE A 3 -10.57 0.87 5.05
C PHE A 3 -9.24 1.54 4.73
N ARG A 4 -8.43 0.86 3.93
N ARG A 4 -8.36 0.82 4.04
CA ARG A 4 -7.06 1.29 3.65
CA ARG A 4 -7.05 1.32 3.73
C ARG A 4 -6.80 1.22 2.14
C ARG A 4 -6.85 1.26 2.22
N LYS A 5 -5.91 2.08 1.66
N LYS A 5 -5.95 2.10 1.73
CA LYS A 5 -5.44 1.98 0.28
CA LYS A 5 -5.45 1.96 0.38
C LYS A 5 -4.57 0.74 0.20
C LYS A 5 -4.65 0.67 0.34
N MET A 6 -5.08 -0.29 -0.46
CA MET A 6 -4.54 -1.64 -0.41
C MET A 6 -4.06 -2.02 -1.81
N ALA A 7 -2.85 -2.53 -1.91
CA ALA A 7 -2.30 -3.00 -3.18
C ALA A 7 -2.54 -4.49 -3.27
N PHE A 8 -2.51 -5.01 -4.50
CA PHE A 8 -2.58 -6.45 -4.68
C PHE A 8 -1.32 -7.08 -4.10
N PRO A 9 -1.41 -8.32 -3.58
CA PRO A 9 -0.17 -9.05 -3.23
C PRO A 9 0.72 -9.14 -4.46
N SER A 10 2.03 -8.88 -4.28
CA SER A 10 2.90 -8.60 -5.43
C SER A 10 3.81 -9.76 -5.82
N GLY A 11 3.75 -10.91 -5.13
CA GLY A 11 4.70 -11.98 -5.40
C GLY A 11 4.70 -12.49 -6.83
N LYS A 12 3.52 -12.60 -7.46
CA LYS A 12 3.48 -13.12 -8.83
C LYS A 12 4.26 -12.24 -9.78
N VAL A 13 4.27 -10.93 -9.51
CA VAL A 13 5.01 -9.98 -10.34
C VAL A 13 6.46 -9.89 -9.92
N GLU A 14 6.77 -10.08 -8.63
CA GLU A 14 8.16 -10.06 -8.19
C GLU A 14 9.00 -11.07 -8.95
N GLY A 15 8.46 -12.25 -9.23
CA GLY A 15 9.25 -13.26 -9.88
C GLY A 15 9.43 -13.03 -11.34
N CYS A 16 8.89 -11.92 -11.86
CA CYS A 16 9.06 -11.59 -13.28
C CYS A 16 10.01 -10.41 -13.48
N MET A 17 10.52 -9.82 -12.40
CA MET A 17 11.31 -8.59 -12.53
C MET A 17 12.78 -8.92 -12.76
N VAL A 18 13.38 -8.25 -13.75
CA VAL A 18 14.79 -8.44 -14.05
C VAL A 18 15.42 -7.08 -14.26
N GLN A 19 16.75 -7.09 -14.27
CA GLN A 19 17.56 -5.91 -14.55
C GLN A 19 18.00 -5.94 -16.00
N VAL A 20 17.83 -4.83 -16.70
CA VAL A 20 18.27 -4.70 -18.08
C VAL A 20 19.24 -3.53 -18.15
N THR A 21 20.42 -3.81 -18.69
CA THR A 21 21.45 -2.80 -18.83
C THR A 21 21.90 -2.75 -20.29
N GLY A 23 24.45 0.04 -22.63
CA GLY A 23 25.13 1.32 -22.59
C GLY A 23 25.33 1.76 -21.16
N THR A 24 24.98 3.00 -20.90
CA THR A 24 25.07 3.53 -19.55
C THR A 24 23.80 3.32 -18.75
N THR A 25 22.72 2.95 -19.44
CA THR A 25 21.37 2.94 -18.87
C THR A 25 21.12 1.59 -18.23
N THR A 26 20.73 1.64 -16.96
CA THR A 26 20.17 0.50 -16.25
C THR A 26 18.72 0.81 -15.89
N LEU A 27 17.85 -0.18 -16.07
CA LEU A 27 16.45 -0.05 -15.66
C LEU A 27 15.87 -1.46 -15.54
N ASN A 28 14.56 -1.53 -15.37
CA ASN A 28 13.93 -2.79 -15.03
C ASN A 28 13.24 -3.37 -16.24
N GLY A 29 13.15 -4.70 -16.27
CA GLY A 29 12.42 -5.38 -17.30
C GLY A 29 11.45 -6.39 -16.70
N LEU A 30 10.45 -6.74 -17.50
CA LEU A 30 9.45 -7.73 -17.12
C LEU A 30 9.67 -8.99 -17.96
N TRP A 31 10.03 -10.09 -17.28
CA TRP A 31 10.32 -11.39 -17.89
C TRP A 31 9.11 -12.31 -17.83
N LEU A 32 8.51 -12.56 -18.99
CA LEU A 32 7.35 -13.40 -19.11
C LEU A 32 7.62 -14.37 -20.24
N ASP A 33 7.36 -15.67 -19.99
CA ASP A 33 7.69 -16.67 -21.00
C ASP A 33 9.14 -16.39 -21.38
N ASP A 34 9.50 -16.41 -22.67
CA ASP A 34 10.90 -16.14 -23.06
C ASP A 34 11.10 -14.74 -23.62
N VAL A 35 10.43 -13.75 -23.08
CA VAL A 35 10.62 -12.37 -23.51
C VAL A 35 10.73 -11.47 -22.30
N VAL A 36 11.69 -10.54 -22.34
CA VAL A 36 11.84 -9.45 -21.41
C VAL A 36 11.32 -8.16 -22.04
N TYR A 37 10.33 -7.54 -21.41
CA TYR A 37 9.79 -6.26 -21.86
C TYR A 37 10.40 -5.11 -21.07
N CYS A 38 10.79 -4.03 -21.75
CA CYS A 38 11.30 -2.84 -21.06
C CYS A 38 11.13 -1.59 -21.94
N PRO A 39 11.35 -0.40 -21.37
CA PRO A 39 11.17 0.81 -22.18
C PRO A 39 12.18 0.88 -23.30
N ARG A 40 11.73 1.32 -24.48
CA ARG A 40 12.67 1.37 -25.59
C ARG A 40 13.72 2.47 -25.40
N HIS A 41 13.51 3.42 -24.48
CA HIS A 41 14.56 4.41 -24.28
C HIS A 41 15.80 3.84 -23.60
N VAL A 42 15.81 2.56 -23.25
CA VAL A 42 17.06 1.92 -22.79
C VAL A 42 18.11 1.92 -23.91
N ILE A 43 17.68 2.02 -25.16
CA ILE A 43 18.66 1.92 -26.25
C ILE A 43 19.44 3.22 -26.39
N THR A 45 21.25 6.47 -27.19
CA THR A 45 21.05 7.62 -28.09
C THR A 45 22.36 8.04 -28.75
N SER A 46 22.24 8.91 -29.76
CA SER A 46 23.41 9.46 -30.43
C SER A 46 23.39 10.98 -30.35
N ASN A 51 16.57 14.07 -29.31
CA ASN A 51 15.69 13.72 -30.43
C ASN A 51 16.09 12.44 -31.18
N PRO A 52 15.55 11.28 -30.73
CA PRO A 52 15.92 10.01 -31.38
C PRO A 52 14.88 9.45 -32.36
N ASN A 53 15.32 8.59 -33.28
CA ASN A 53 14.43 7.81 -34.15
C ASN A 53 14.73 6.35 -33.80
N TYR A 54 13.95 5.79 -32.88
CA TYR A 54 14.45 4.64 -32.13
C TYR A 54 14.73 3.42 -33.01
N GLU A 55 14.16 3.35 -34.21
CA GLU A 55 14.46 2.21 -35.08
C GLU A 55 15.94 2.20 -35.47
N ASP A 56 16.45 3.33 -35.97
CA ASP A 56 17.82 3.33 -36.48
C ASP A 56 18.84 3.08 -35.38
N LEU A 57 18.58 3.55 -34.16
CA LEU A 57 19.51 3.27 -33.09
C LEU A 57 19.56 1.77 -32.77
N LEU A 58 18.50 1.02 -33.09
CA LEU A 58 18.36 -0.37 -32.63
C LEU A 58 19.09 -1.37 -33.52
N ILE A 59 19.29 -1.05 -34.80
CA ILE A 59 20.02 -1.99 -35.63
C ILE A 59 21.51 -1.96 -35.26
N ARG A 60 22.00 -0.81 -34.78
N ARG A 60 21.98 -0.81 -34.77
CA ARG A 60 23.38 -0.73 -34.31
CA ARG A 60 23.36 -0.71 -34.31
C ARG A 60 23.63 -1.69 -33.15
C ARG A 60 23.63 -1.66 -33.15
N LYS A 61 22.59 -2.06 -32.40
CA LYS A 61 22.76 -2.90 -31.23
C LYS A 61 22.81 -4.38 -31.59
N SER A 62 23.68 -5.10 -30.91
CA SER A 62 23.79 -6.54 -30.99
C SER A 62 23.13 -7.17 -29.76
N ASN A 63 22.57 -8.36 -29.94
CA ASN A 63 21.92 -9.01 -28.81
C ASN A 63 22.74 -8.91 -27.54
N HIS A 64 24.05 -9.17 -27.62
CA HIS A 64 24.86 -9.19 -26.42
C HIS A 64 25.15 -7.80 -25.88
N ASN A 65 24.60 -6.74 -26.48
CA ASN A 65 24.64 -5.42 -25.87
C ASN A 65 23.64 -5.26 -24.73
N PHE A 66 22.59 -6.06 -24.72
CA PHE A 66 21.60 -6.01 -23.65
C PHE A 66 22.01 -7.05 -22.62
N LEU A 67 22.45 -6.57 -21.47
CA LEU A 67 22.78 -7.42 -20.32
C LEU A 67 21.54 -7.52 -19.44
N VAL A 68 21.00 -8.72 -19.31
CA VAL A 68 19.77 -8.96 -18.57
C VAL A 68 20.11 -9.87 -17.41
N GLN A 69 19.90 -9.40 -16.19
CA GLN A 69 20.17 -10.19 -15.01
C GLN A 69 18.86 -10.51 -14.31
N ALA A 70 18.61 -11.78 -14.08
CA ALA A 70 17.50 -12.28 -13.27
C ALA A 70 18.11 -12.71 -11.95
N GLY A 71 17.99 -11.86 -10.94
CA GLY A 71 18.73 -12.07 -9.72
C GLY A 71 20.21 -12.10 -10.01
N ASN A 72 20.89 -13.12 -9.50
CA ASN A 72 22.32 -13.28 -9.72
C ASN A 72 22.61 -14.10 -10.97
N VAL A 73 21.66 -14.14 -11.91
CA VAL A 73 21.76 -14.97 -13.11
C VAL A 73 21.60 -14.09 -14.34
N GLN A 74 22.47 -14.29 -15.32
CA GLN A 74 22.33 -13.62 -16.61
C GLN A 74 21.42 -14.41 -17.53
N LEU A 75 20.51 -13.70 -18.19
CA LEU A 75 19.69 -14.28 -19.25
C LEU A 75 20.32 -13.93 -20.59
N ARG A 76 20.40 -14.92 -21.46
CA ARG A 76 21.02 -14.74 -22.76
C ARG A 76 19.96 -14.19 -23.71
N VAL A 77 20.21 -13.00 -24.26
CA VAL A 77 19.35 -12.38 -25.27
C VAL A 77 19.68 -12.96 -26.63
N ILE A 78 18.66 -13.47 -27.31
CA ILE A 78 18.83 -14.10 -28.61
C ILE A 78 18.05 -13.38 -29.71
N GLY A 79 17.46 -12.24 -29.40
CA GLY A 79 16.66 -11.50 -30.36
C GLY A 79 16.11 -10.25 -29.73
N HIS A 80 15.69 -9.32 -30.59
CA HIS A 80 15.15 -8.05 -30.09
C HIS A 80 14.26 -7.42 -31.14
N SER A 81 13.13 -6.88 -30.69
CA SER A 81 12.20 -6.14 -31.53
C SER A 81 11.54 -5.03 -30.75
N MET A 82 10.93 -4.07 -31.47
CA MET A 82 10.21 -2.97 -30.86
C MET A 82 8.72 -3.17 -31.09
N GLN A 83 7.92 -2.85 -30.10
CA GLN A 83 6.49 -2.67 -30.30
C GLN A 83 6.10 -1.33 -29.71
N ASN A 84 5.83 -0.34 -30.56
CA ASN A 84 5.55 1.03 -30.08
C ASN A 84 6.70 1.46 -29.19
N CYS A 85 6.47 1.90 -27.93
CA CYS A 85 7.56 2.42 -27.11
C CYS A 85 8.20 1.38 -26.17
N VAL A 86 7.91 0.11 -26.39
CA VAL A 86 8.42 -1.00 -25.61
C VAL A 86 9.37 -1.85 -26.45
N LEU A 87 10.51 -2.18 -25.88
CA LEU A 87 11.45 -3.14 -26.43
C LEU A 87 11.14 -4.56 -25.94
N LYS A 88 11.23 -5.54 -26.83
CA LYS A 88 10.94 -6.94 -26.52
C LYS A 88 12.23 -7.71 -26.75
N LEU A 89 12.85 -8.19 -25.68
CA LEU A 89 14.10 -8.92 -25.77
C LEU A 89 13.79 -10.40 -25.65
N LYS A 90 13.99 -11.13 -26.74
CA LYS A 90 13.82 -12.58 -26.67
C LYS A 90 15.02 -13.15 -25.91
N VAL A 91 14.77 -14.03 -24.94
CA VAL A 91 15.84 -14.69 -24.19
C VAL A 91 15.75 -16.20 -24.40
N ASP A 92 16.83 -16.89 -24.03
CA ASP A 92 16.94 -18.33 -24.32
C ASP A 92 16.19 -19.20 -23.31
N THR A 93 15.67 -18.62 -22.23
CA THR A 93 15.02 -19.37 -21.17
C THR A 93 13.66 -18.77 -20.86
N ALA A 94 12.63 -19.62 -20.85
CA ALA A 94 11.33 -19.18 -20.39
C ALA A 94 11.35 -19.03 -18.86
N ASN A 95 10.78 -17.97 -18.38
CA ASN A 95 10.71 -17.70 -16.94
C ASN A 95 9.89 -18.79 -16.31
N PRO A 96 10.47 -19.65 -15.47
CA PRO A 96 9.66 -20.70 -14.85
C PRO A 96 8.66 -20.16 -13.88
N LYS A 97 8.85 -18.93 -13.40
CA LYS A 97 7.92 -18.26 -12.53
C LYS A 97 6.84 -17.45 -13.27
N THR A 98 6.71 -17.61 -14.58
CA THR A 98 5.68 -16.86 -15.30
C THR A 98 4.29 -17.17 -14.78
N PRO A 99 3.53 -16.17 -14.32
CA PRO A 99 2.15 -16.43 -13.88
C PRO A 99 1.19 -16.47 -15.04
N LYS A 100 -0.03 -16.95 -14.79
CA LYS A 100 -1.10 -16.70 -15.73
C LYS A 100 -1.23 -15.18 -15.85
N TYR A 101 -1.21 -14.67 -17.06
CA TYR A 101 -1.27 -13.23 -17.23
C TYR A 101 -1.84 -12.84 -18.58
N LYS A 102 -2.23 -11.58 -18.65
N LYS A 102 -2.24 -11.58 -18.66
CA LYS A 102 -2.54 -10.97 -19.94
CA LYS A 102 -2.50 -10.98 -19.96
C LYS A 102 -2.18 -9.50 -19.87
C LYS A 102 -2.12 -9.51 -19.87
N PHE A 103 -2.09 -8.89 -21.04
CA PHE A 103 -1.82 -7.47 -21.19
C PHE A 103 -3.16 -6.78 -21.40
N VAL A 104 -3.47 -5.77 -20.59
CA VAL A 104 -4.72 -5.02 -20.74
C VAL A 104 -4.38 -3.54 -20.70
N ARG A 105 -5.26 -2.74 -21.29
CA ARG A 105 -5.13 -1.27 -21.23
C ARG A 105 -6.24 -0.73 -20.36
N ILE A 106 -5.91 0.05 -19.32
CA ILE A 106 -6.94 0.53 -18.41
C ILE A 106 -7.44 1.88 -18.86
N GLN A 107 -8.63 2.29 -18.32
CA GLN A 107 -9.25 3.57 -18.58
C GLN A 107 -8.92 4.55 -17.48
N PRO A 108 -8.97 5.84 -17.77
CA PRO A 108 -8.77 6.83 -16.71
C PRO A 108 -9.78 6.58 -15.60
N GLY A 109 -9.32 6.74 -14.38
CA GLY A 109 -10.14 6.45 -13.23
C GLY A 109 -10.00 5.06 -12.66
N GLN A 110 -9.46 4.12 -13.41
CA GLN A 110 -9.33 2.76 -12.87
CA GLN A 110 -9.31 2.76 -12.89
C GLN A 110 -8.01 2.68 -12.08
N THR A 111 -7.96 1.73 -11.14
CA THR A 111 -6.82 1.65 -10.23
C THR A 111 -5.99 0.41 -10.54
N PHE A 112 -4.78 0.39 -10.00
CA PHE A 112 -3.88 -0.73 -10.21
C PHE A 112 -2.77 -0.59 -9.20
N SER A 113 -2.05 -1.71 -8.98
CA SER A 113 -0.92 -1.74 -8.08
C SER A 113 0.36 -1.55 -8.89
N VAL A 114 1.31 -0.81 -8.33
CA VAL A 114 2.62 -0.58 -8.93
C VAL A 114 3.66 -1.28 -8.05
N LEU A 115 4.51 -2.09 -8.66
CA LEU A 115 5.68 -2.69 -7.98
C LEU A 115 6.91 -1.88 -8.40
N ALA A 116 7.26 -0.92 -7.54
CA ALA A 116 8.41 -0.05 -7.80
C ALA A 116 9.68 -0.88 -7.65
N CYS A 117 10.58 -0.80 -8.65
CA CYS A 117 11.81 -1.58 -8.69
C CYS A 117 12.99 -0.72 -9.11
N TYR A 118 14.17 -1.16 -8.68
CA TYR A 118 15.47 -0.53 -8.96
C TYR A 118 16.46 -1.65 -9.23
N ASN A 119 17.16 -1.54 -10.37
CA ASN A 119 18.14 -2.55 -10.78
C ASN A 119 17.55 -3.97 -10.74
N GLY A 120 16.29 -4.10 -11.17
CA GLY A 120 15.66 -5.40 -11.24
C GLY A 120 15.19 -5.95 -9.90
N SER A 121 15.31 -5.17 -8.83
CA SER A 121 14.95 -5.62 -7.49
C SER A 121 13.73 -4.88 -6.98
N PRO A 122 12.64 -5.60 -6.72
CA PRO A 122 11.45 -4.95 -6.16
C PRO A 122 11.76 -4.23 -4.85
N SER A 123 11.30 -2.98 -4.77
CA SER A 123 11.51 -2.15 -3.61
C SER A 123 10.24 -1.86 -2.83
N GLY A 124 9.08 -1.77 -3.49
CA GLY A 124 7.88 -1.30 -2.82
C GLY A 124 6.68 -1.52 -3.69
N VAL A 125 5.50 -1.54 -3.04
CA VAL A 125 4.25 -1.74 -3.76
C VAL A 125 3.26 -0.71 -3.25
N TYR A 126 2.56 -0.08 -4.18
CA TYR A 126 1.50 0.84 -3.79
C TYR A 126 0.42 0.85 -4.86
N GLN A 127 -0.74 1.37 -4.48
CA GLN A 127 -1.95 1.40 -5.29
C GLN A 127 -2.08 2.80 -5.87
N CYS A 128 -2.43 2.87 -7.16
N CYS A 128 -2.54 2.90 -7.11
CA CYS A 128 -2.52 4.12 -7.92
CA CYS A 128 -2.66 4.22 -7.72
C CYS A 128 -3.84 4.13 -8.69
C CYS A 128 -3.70 4.17 -8.83
N ALA A 129 -4.26 5.33 -9.12
CA ALA A 129 -5.28 5.46 -10.15
C ALA A 129 -4.65 6.10 -11.40
N MET A 130 -5.08 5.65 -12.58
CA MET A 130 -4.77 6.37 -13.83
C MET A 130 -5.59 7.65 -13.78
N ARG A 131 -4.92 8.80 -13.71
CA ARG A 131 -5.62 10.09 -13.54
C ARG A 131 -6.38 10.42 -14.82
N PRO A 132 -7.41 11.26 -14.74
CA PRO A 132 -8.06 11.75 -15.97
C PRO A 132 -7.09 12.39 -16.92
N ASN A 133 -5.97 12.94 -16.45
CA ASN A 133 -4.98 13.56 -17.34
C ASN A 133 -3.93 12.57 -17.77
N PHE A 134 -4.19 11.28 -17.55
CA PHE A 134 -3.39 10.13 -17.97
C PHE A 134 -2.04 10.08 -17.31
N THR A 135 -1.90 10.73 -16.17
CA THR A 135 -0.69 10.57 -15.39
C THR A 135 -1.03 9.71 -14.18
N ILE A 136 0.00 9.35 -13.44
CA ILE A 136 -0.19 8.71 -12.15
C ILE A 136 0.65 9.43 -11.10
N LYS A 137 0.08 9.57 -9.91
N LYS A 137 0.08 9.58 -9.91
CA LYS A 137 0.77 10.15 -8.76
CA LYS A 137 0.78 10.16 -8.76
C LYS A 137 1.48 9.01 -8.05
C LYS A 137 1.48 9.01 -8.06
N GLY A 138 2.68 8.69 -8.53
CA GLY A 138 3.47 7.59 -7.97
C GLY A 138 4.59 8.10 -7.09
N SER A 139 5.47 7.17 -6.75
CA SER A 139 6.71 7.49 -6.05
C SER A 139 7.81 6.73 -6.76
N PHE A 140 8.63 7.48 -7.48
CA PHE A 140 9.64 6.93 -8.37
C PHE A 140 10.87 7.82 -8.28
N LEU A 141 12.04 7.20 -8.20
CA LEU A 141 13.32 7.85 -8.35
C LEU A 141 13.98 7.31 -9.62
N ASN A 142 15.10 7.93 -10.01
CA ASN A 142 15.81 7.47 -11.18
C ASN A 142 16.12 5.98 -11.07
N GLY A 143 15.91 5.26 -12.18
CA GLY A 143 16.13 3.83 -12.22
C GLY A 143 14.89 2.97 -12.01
N SER A 144 13.76 3.58 -11.62
CA SER A 144 12.47 2.92 -11.56
C SER A 144 11.84 2.61 -12.92
N CYS A 145 12.39 3.12 -14.03
CA CYS A 145 11.76 2.85 -15.32
C CYS A 145 11.65 1.37 -15.55
N GLY A 146 10.54 0.95 -16.17
CA GLY A 146 10.31 -0.43 -16.40
C GLY A 146 9.57 -1.13 -15.27
N SER A 147 9.42 -0.48 -14.11
CA SER A 147 8.49 -0.97 -13.09
C SER A 147 7.11 -1.03 -13.71
N VAL A 148 6.27 -1.97 -13.22
CA VAL A 148 4.98 -2.18 -13.83
C VAL A 148 3.81 -2.02 -12.87
N GLY A 149 2.65 -1.81 -13.51
CA GLY A 149 1.37 -1.75 -12.82
C GLY A 149 0.48 -2.89 -13.28
N PHE A 150 -0.36 -3.38 -12.36
CA PHE A 150 -1.10 -4.61 -12.61
C PHE A 150 -2.28 -4.72 -11.65
N ASN A 151 -3.23 -5.57 -12.03
CA ASN A 151 -4.32 -6.00 -11.19
C ASN A 151 -4.27 -7.50 -11.22
N ILE A 152 -4.91 -8.14 -10.22
CA ILE A 152 -5.00 -9.60 -10.16
C ILE A 152 -6.48 -9.97 -10.03
N ASP A 153 -6.93 -10.90 -10.87
CA ASP A 153 -8.30 -11.42 -10.83
C ASP A 153 -8.16 -12.92 -10.76
N TYR A 154 -8.51 -13.49 -9.59
CA TYR A 154 -8.34 -14.93 -9.36
C TYR A 154 -6.87 -15.23 -9.29
N ASP A 155 -6.35 -16.00 -10.24
CA ASP A 155 -4.89 -16.20 -10.32
C ASP A 155 -4.24 -15.44 -11.50
N VAL A 157 -2.83 -12.36 -13.59
CA VAL A 157 -2.26 -11.01 -13.49
C VAL A 157 -2.52 -10.26 -14.79
N SER A 158 -3.20 -9.13 -14.70
CA SER A 158 -3.43 -8.26 -15.86
C SER A 158 -2.45 -7.11 -15.74
N PHE A 159 -1.43 -7.12 -16.58
CA PHE A 159 -0.47 -6.01 -16.62
C PHE A 159 -1.05 -4.86 -17.46
N CYS A 160 -1.04 -3.66 -16.88
CA CYS A 160 -1.64 -2.51 -17.54
C CYS A 160 -0.69 -1.35 -17.71
N TYR A 161 0.49 -1.37 -17.09
CA TYR A 161 1.27 -0.14 -17.03
C TYR A 161 2.74 -0.49 -16.95
N MET A 162 3.54 0.31 -17.62
CA MET A 162 5.00 0.25 -17.51
CA MET A 162 5.00 0.25 -17.50
C MET A 162 5.52 1.68 -17.39
N HIS A 163 6.38 1.91 -16.39
CA HIS A 163 6.86 3.25 -16.14
C HIS A 163 7.95 3.71 -17.12
N HIS A 164 7.79 4.94 -17.70
CA HIS A 164 8.79 5.50 -18.62
C HIS A 164 9.41 6.83 -18.17
N MET A 165 8.70 7.71 -17.48
CA MET A 165 9.31 8.99 -17.18
C MET A 165 8.61 9.71 -16.06
N GLU A 166 9.28 10.74 -15.52
CA GLU A 166 8.67 11.70 -14.60
C GLU A 166 8.52 13.08 -15.25
N LEU A 167 7.40 13.72 -15.01
CA LEU A 167 7.07 15.02 -15.58
C LEU A 167 7.44 16.12 -14.60
N PRO A 168 7.56 17.37 -15.06
CA PRO A 168 8.08 18.44 -14.18
C PRO A 168 7.27 18.64 -12.92
N THR A 169 6.00 18.28 -12.91
CA THR A 169 5.18 18.44 -11.71
C THR A 169 5.38 17.31 -10.70
N GLY A 170 6.24 16.33 -10.95
CA GLY A 170 6.46 15.25 -10.00
C GLY A 170 5.60 14.02 -10.21
N VAL A 171 4.67 14.06 -11.18
CA VAL A 171 3.86 12.89 -11.50
C VAL A 171 4.52 12.08 -12.62
N HIS A 172 3.94 10.92 -12.93
CA HIS A 172 4.62 9.91 -13.73
C HIS A 172 3.80 9.49 -14.93
N ALA A 173 4.52 9.09 -15.96
CA ALA A 173 3.86 8.72 -17.20
C ALA A 173 4.49 7.45 -17.77
N GLY A 174 3.66 6.70 -18.47
CA GLY A 174 4.13 5.46 -19.06
C GLY A 174 3.15 4.92 -20.06
N THR A 175 3.34 3.63 -20.37
CA THR A 175 2.65 2.97 -21.46
C THR A 175 1.91 1.76 -20.93
N ASP A 176 1.07 1.22 -21.79
CA ASP A 176 0.63 -0.16 -21.56
C ASP A 176 1.76 -1.11 -21.94
N LEU A 177 1.52 -2.40 -21.78
CA LEU A 177 2.60 -3.35 -22.02
C LEU A 177 2.76 -3.60 -23.51
N GLU A 178 1.88 -3.04 -24.33
CA GLU A 178 2.05 -3.06 -25.76
C GLU A 178 2.72 -1.78 -26.25
N GLY A 179 3.19 -0.93 -25.35
CA GLY A 179 4.02 0.22 -25.69
C GLY A 179 3.26 1.47 -26.06
N ASN A 180 1.95 1.47 -25.91
CA ASN A 180 1.14 2.65 -26.19
C ASN A 180 1.12 3.55 -24.96
N PHE A 181 1.52 4.81 -25.14
CA PHE A 181 1.48 5.73 -24.01
C PHE A 181 0.07 5.91 -23.53
N TYR A 182 -0.07 6.09 -22.24
CA TYR A 182 -1.24 6.73 -21.65
C TYR A 182 -0.98 8.23 -21.65
N GLY A 183 -1.87 9.00 -22.28
CA GLY A 183 -1.70 10.45 -22.32
C GLY A 183 -0.89 10.93 -23.50
N PRO A 184 -0.89 12.24 -23.69
CA PRO A 184 -0.27 12.87 -24.90
C PRO A 184 1.23 13.10 -24.71
N PHE A 185 1.95 12.01 -24.41
CA PHE A 185 3.36 12.03 -24.04
C PHE A 185 4.16 11.26 -25.09
N VAL A 186 5.45 11.60 -25.15
CA VAL A 186 6.42 10.90 -25.98
C VAL A 186 7.63 10.59 -25.13
N ASP A 187 8.39 9.55 -25.55
CA ASP A 187 9.54 9.10 -24.75
C ASP A 187 10.80 9.76 -25.27
N ARG A 188 10.97 11.02 -24.87
CA ARG A 188 12.25 11.71 -25.02
C ARG A 188 12.32 12.87 -24.03
N GLN A 189 13.55 13.28 -23.74
N GLN A 189 13.55 13.27 -23.74
CA GLN A 189 13.77 14.19 -22.61
CA GLN A 189 13.81 14.41 -22.85
C GLN A 189 13.09 15.54 -22.81
C GLN A 189 13.40 15.69 -23.60
N THR A 190 12.86 15.95 -24.05
N THR A 190 12.21 16.21 -23.30
CA THR A 190 12.11 17.18 -24.34
CA THR A 190 11.73 17.40 -23.99
C THR A 190 10.99 17.32 -23.32
C THR A 190 10.69 18.07 -23.11
N ALA A 191 11.17 18.24 -22.37
N ALA A 191 10.24 19.25 -23.56
CA ALA A 191 10.22 18.39 -21.28
CA ALA A 191 9.22 20.05 -22.90
C ALA A 191 8.80 18.54 -21.79
C ALA A 191 7.89 19.30 -22.94
N GLN A 192 7.85 17.99 -21.05
N GLN A 192 7.51 18.73 -21.80
CA GLN A 192 6.45 17.99 -21.43
CA GLN A 192 6.28 17.97 -21.65
C GLN A 192 5.68 18.27 -20.17
C GLN A 192 5.68 18.29 -20.30
N ALA A 193 4.37 18.51 -20.29
CA ALA A 193 3.61 18.88 -19.12
C ALA A 193 2.33 18.06 -19.04
N ALA A 194 2.01 17.62 -17.83
CA ALA A 194 0.69 17.07 -17.58
C ALA A 194 -0.38 18.15 -17.78
N GLY A 195 -1.47 17.77 -18.46
CA GLY A 195 -2.66 18.60 -18.51
C GLY A 195 -3.29 18.82 -17.14
N THR A 196 -4.15 19.84 -17.08
CA THR A 196 -4.86 20.13 -15.84
C THR A 196 -5.63 18.86 -15.44
N ASP A 197 -5.49 18.46 -14.21
CA ASP A 197 -6.17 17.27 -13.81
C ASP A 197 -7.49 17.58 -13.23
N THR A 198 -8.30 16.55 -13.12
CA THR A 198 -9.64 16.67 -12.57
C THR A 198 -9.86 15.52 -11.59
N THR A 199 -10.92 15.63 -10.83
CA THR A 199 -11.23 14.66 -9.79
C THR A 199 -12.19 13.58 -10.31
N ILE A 200 -11.96 12.33 -9.88
CA ILE A 200 -12.68 11.19 -10.43
C ILE A 200 -13.96 11.03 -9.61
N THR A 201 -15.06 11.57 -10.16
CA THR A 201 -16.31 11.68 -9.39
C THR A 201 -16.83 10.33 -8.92
N VAL A 202 -16.90 9.37 -9.83
CA VAL A 202 -17.49 8.09 -9.46
C VAL A 202 -16.70 7.44 -8.33
N ASN A 203 -15.41 7.73 -8.23
CA ASN A 203 -14.57 7.13 -7.21
C ASN A 203 -14.75 7.85 -5.88
N VAL A 204 -14.94 9.17 -5.90
CA VAL A 204 -15.25 9.86 -4.66
C VAL A 204 -16.54 9.32 -4.08
N LEU A 205 -17.56 9.15 -4.94
CA LEU A 205 -18.81 8.57 -4.50
C LEU A 205 -18.59 7.18 -3.92
N ALA A 206 -17.78 6.36 -4.58
CA ALA A 206 -17.53 5.02 -4.06
C ALA A 206 -16.93 5.09 -2.67
N TRP A 207 -16.02 6.02 -2.45
CA TRP A 207 -15.35 6.18 -1.16
C TRP A 207 -16.28 6.73 -0.09
N LEU A 208 -17.23 7.58 -0.48
CA LEU A 208 -18.26 8.02 0.48
C LEU A 208 -19.13 6.84 0.90
N TYR A 209 -19.43 5.94 -0.04
CA TYR A 209 -20.14 4.71 0.32
C TYR A 209 -19.29 3.85 1.27
N ALA A 210 -17.99 3.76 1.01
CA ALA A 210 -17.11 3.02 1.90
C ALA A 210 -17.14 3.64 3.29
N ALA A 211 -17.16 4.97 3.33
CA ALA A 211 -17.22 5.65 4.60
C ALA A 211 -18.47 5.25 5.37
N VAL A 212 -19.60 5.29 4.68
CA VAL A 212 -20.86 4.95 5.31
C VAL A 212 -20.81 3.52 5.83
N ILE A 213 -20.26 2.59 5.04
CA ILE A 213 -20.19 1.22 5.51
C ILE A 213 -19.37 1.11 6.79
N ASN A 214 -18.36 1.95 6.93
CA ASN A 214 -17.50 1.94 8.11
C ASN A 214 -18.01 2.86 9.22
N GLY A 215 -19.24 3.35 9.11
CA GLY A 215 -19.85 4.12 10.17
C GLY A 215 -19.68 5.62 10.11
N ASP A 216 -19.02 6.16 9.08
CA ASP A 216 -18.85 7.59 8.89
C ASP A 216 -20.07 8.11 8.12
N ARG A 217 -20.97 8.84 8.81
CA ARG A 217 -22.27 9.18 8.24
C ARG A 217 -22.67 10.64 8.34
N TRP A 218 -21.83 11.50 8.93
CA TRP A 218 -22.26 12.87 9.21
C TRP A 218 -22.61 13.65 7.95
N PHE A 219 -21.99 13.34 6.81
CA PHE A 219 -22.19 14.11 5.59
C PHE A 219 -23.49 13.74 4.86
N LEU A 220 -24.15 12.67 5.26
CA LEU A 220 -25.42 12.34 4.65
C LEU A 220 -26.46 13.42 4.96
N ASN A 221 -27.32 13.69 3.98
CA ASN A 221 -28.47 14.56 4.17
C ASN A 221 -29.70 13.93 3.54
N ARG A 222 -30.84 14.63 3.67
CA ARG A 222 -32.12 14.12 3.22
C ARG A 222 -32.36 14.33 1.75
N PHE A 223 -31.51 15.09 1.10
CA PHE A 223 -31.78 15.65 -0.20
C PHE A 223 -31.25 14.77 -1.32
N THR A 224 -31.80 14.99 -2.50
CA THR A 224 -31.33 14.30 -3.70
C THR A 224 -31.31 15.31 -4.84
N THR A 225 -30.73 14.90 -5.95
CA THR A 225 -30.52 15.82 -7.04
C THR A 225 -30.68 15.05 -8.34
N THR A 226 -30.32 15.72 -9.42
CA THR A 226 -30.38 15.15 -10.76
C THR A 226 -28.99 15.08 -11.36
N LEU A 227 -28.80 14.10 -12.24
CA LEU A 227 -27.55 14.05 -13.01
C LEU A 227 -27.20 15.41 -13.59
N ASN A 228 -28.13 16.03 -14.33
CA ASN A 228 -27.84 17.30 -14.98
C ASN A 228 -27.49 18.38 -13.95
N ASP A 229 -28.23 18.43 -12.84
CA ASP A 229 -27.96 19.44 -11.83
C ASP A 229 -26.58 19.23 -11.20
N PHE A 230 -26.25 17.97 -10.91
CA PHE A 230 -24.98 17.69 -10.25
C PHE A 230 -23.80 17.96 -11.18
N ASN A 231 -23.93 17.58 -12.45
CA ASN A 231 -22.83 17.76 -13.40
C ASN A 231 -22.48 19.22 -13.60
N LEU A 232 -23.44 20.12 -13.40
CA LEU A 232 -23.11 21.54 -13.42
C LEU A 232 -22.23 21.92 -12.24
N VAL A 233 -22.49 21.30 -11.10
CA VAL A 233 -21.65 21.50 -9.92
C VAL A 233 -20.29 20.86 -10.14
N ALA A 234 -20.28 19.59 -10.59
CA ALA A 234 -19.04 18.90 -10.90
C ALA A 234 -18.15 19.75 -11.79
N MET A 235 -18.72 20.21 -12.90
CA MET A 235 -17.96 21.03 -13.84
C MET A 235 -17.38 22.23 -13.14
N LYS A 236 -18.17 22.86 -12.25
CA LYS A 236 -17.65 24.02 -11.54
C LYS A 236 -16.46 23.67 -10.66
N TYR A 237 -16.46 22.47 -10.07
CA TYR A 237 -15.40 22.10 -9.14
C TYR A 237 -14.28 21.27 -9.79
N ASN A 238 -14.24 21.23 -11.12
N ASN A 238 -14.25 21.19 -11.11
CA ASN A 238 -13.26 20.43 -11.85
CA ASN A 238 -13.22 20.44 -11.82
C ASN A 238 -13.35 18.97 -11.39
C ASN A 238 -13.34 18.94 -11.56
N TYR A 239 -14.57 18.47 -11.43
CA TYR A 239 -14.88 17.08 -11.21
C TYR A 239 -15.30 16.54 -12.58
N GLU A 240 -14.96 15.28 -12.84
CA GLU A 240 -15.40 14.60 -14.04
C GLU A 240 -16.92 14.53 -14.08
N PRO A 241 -17.52 14.56 -15.27
CA PRO A 241 -18.96 14.31 -15.34
C PRO A 241 -19.31 12.91 -14.84
N LEU A 242 -20.46 12.84 -14.16
CA LEU A 242 -21.06 11.58 -13.77
C LEU A 242 -22.01 11.15 -14.87
N THR A 243 -21.88 9.91 -15.30
CA THR A 243 -22.70 9.33 -16.35
C THR A 243 -23.66 8.32 -15.75
N GLN A 244 -24.65 7.93 -16.56
CA GLN A 244 -25.58 6.89 -16.14
C GLN A 244 -24.87 5.58 -15.86
N ASP A 245 -23.79 5.32 -16.59
N ASP A 245 -23.79 5.30 -16.60
CA ASP A 245 -23.05 4.08 -16.39
CA ASP A 245 -23.10 4.03 -16.32
C ASP A 245 -22.37 4.08 -15.02
C ASP A 245 -22.43 4.08 -14.96
N HIS A 246 -21.91 5.25 -14.57
CA HIS A 246 -21.36 5.36 -13.23
C HIS A 246 -22.42 5.07 -12.19
N VAL A 247 -23.57 5.72 -12.32
CA VAL A 247 -24.68 5.46 -11.41
C VAL A 247 -24.96 3.98 -11.37
N ASP A 248 -25.01 3.33 -12.53
CA ASP A 248 -25.38 1.92 -12.54
C ASP A 248 -24.30 1.09 -11.87
N ILE A 249 -23.03 1.46 -12.07
CA ILE A 249 -21.92 0.74 -11.47
C ILE A 249 -21.99 0.80 -9.94
N LEU A 250 -22.45 1.94 -9.40
CA LEU A 250 -22.60 2.11 -7.96
C LEU A 250 -23.83 1.44 -7.41
N GLY A 251 -24.62 0.83 -8.29
CA GLY A 251 -25.84 0.16 -7.90
C GLY A 251 -25.69 -0.64 -6.64
N PRO A 252 -24.76 -1.60 -6.65
CA PRO A 252 -24.57 -2.46 -5.48
C PRO A 252 -24.40 -1.71 -4.18
N LEU A 253 -23.64 -0.61 -4.17
CA LEU A 253 -23.38 0.12 -2.95
C LEU A 253 -24.60 0.93 -2.51
N SER A 254 -25.38 1.41 -3.48
CA SER A 254 -26.65 2.08 -3.17
C SER A 254 -27.61 1.10 -2.53
N ALA A 255 -27.71 -0.11 -3.10
CA ALA A 255 -28.58 -1.13 -2.50
C ALA A 255 -28.15 -1.47 -1.09
N GLN A 256 -26.83 -1.56 -0.86
CA GLN A 256 -26.34 -2.05 0.43
C GLN A 256 -26.47 -1.03 1.56
N THR A 257 -26.45 0.25 1.25
CA THR A 257 -26.45 1.30 2.26
C THR A 257 -27.77 2.04 2.34
N GLY A 258 -28.63 1.92 1.32
CA GLY A 258 -29.87 2.62 1.30
C GLY A 258 -29.73 4.06 0.86
N ILE A 259 -28.57 4.44 0.35
CA ILE A 259 -28.35 5.80 -0.15
C ILE A 259 -28.20 5.71 -1.67
N ALA A 260 -29.16 6.29 -2.38
CA ALA A 260 -29.10 6.27 -3.84
C ALA A 260 -28.02 7.22 -4.32
N VAL A 261 -27.45 6.91 -5.48
CA VAL A 261 -26.31 7.68 -5.97
C VAL A 261 -26.64 9.17 -6.00
N LEU A 262 -27.82 9.54 -6.49
CA LEU A 262 -28.11 10.97 -6.59
C LEU A 262 -28.36 11.58 -5.19
N ASP A 263 -28.85 10.76 -4.25
CA ASP A 263 -28.83 11.11 -2.82
C ASP A 263 -27.41 11.43 -2.37
N MET A 264 -26.47 10.50 -2.60
CA MET A 264 -25.07 10.77 -2.28
C MET A 264 -24.50 11.95 -3.08
N CYS A 265 -24.93 12.15 -4.31
CA CYS A 265 -24.43 13.31 -5.05
C CYS A 265 -24.77 14.61 -4.33
N ALA A 266 -25.98 14.67 -3.76
CA ALA A 266 -26.38 15.85 -3.00
C ALA A 266 -25.46 16.05 -1.79
N SER A 267 -25.03 14.95 -1.16
CA SER A 267 -24.02 15.05 -0.10
C SER A 267 -22.70 15.59 -0.65
N LEU A 268 -22.26 15.08 -1.79
CA LEU A 268 -21.01 15.55 -2.38
C LEU A 268 -21.07 17.03 -2.78
N LYS A 269 -22.19 17.45 -3.36
CA LYS A 269 -22.47 18.87 -3.59
C LYS A 269 -22.21 19.71 -2.34
N GLU A 270 -22.90 19.35 -1.26
CA GLU A 270 -22.77 20.16 -0.04
C GLU A 270 -21.31 20.15 0.43
N LEU A 271 -20.62 19.01 0.29
CA LEU A 271 -19.21 18.97 0.67
C LEU A 271 -18.40 19.89 -0.23
N LEU A 272 -18.74 19.93 -1.52
CA LEU A 272 -17.97 20.76 -2.45
C LEU A 272 -18.20 22.25 -2.14
N GLN A 273 -19.45 22.62 -1.85
CA GLN A 273 -19.90 23.99 -1.63
C GLN A 273 -19.52 24.50 -0.24
N ASN A 274 -19.63 23.67 0.80
CA ASN A 274 -19.43 24.10 2.17
C ASN A 274 -18.17 23.57 2.83
N GLY A 275 -17.45 22.65 2.18
CA GLY A 275 -16.31 22.03 2.81
C GLY A 275 -16.74 21.03 3.85
N MET A 276 -15.73 20.51 4.55
N MET A 276 -15.74 20.52 4.57
CA MET A 276 -15.95 19.49 5.57
CA MET A 276 -15.99 19.49 5.57
C MET A 276 -16.26 20.06 6.95
C MET A 276 -16.12 20.06 6.97
N ASN A 277 -16.19 21.38 7.12
CA ASN A 277 -16.52 21.98 8.41
C ASN A 277 -15.67 21.36 9.54
N GLY A 278 -14.37 21.21 9.30
CA GLY A 278 -13.46 20.71 10.31
C GLY A 278 -13.50 19.22 10.56
N ARG A 279 -14.38 18.51 9.90
CA ARG A 279 -14.53 17.08 10.13
CA ARG A 279 -14.53 17.08 10.13
C ARG A 279 -13.72 16.30 9.10
N THR A 280 -13.62 15.00 9.33
CA THR A 280 -12.93 14.11 8.41
C THR A 280 -13.83 12.95 7.99
N ILE A 281 -13.47 12.35 6.86
CA ILE A 281 -14.11 11.13 6.35
C ILE A 281 -13.05 10.08 6.17
N LEU A 282 -13.21 8.93 6.84
CA LEU A 282 -12.25 7.84 6.75
C LEU A 282 -10.83 8.36 6.98
N GLY A 283 -10.69 9.27 7.91
CA GLY A 283 -9.37 9.77 8.25
C GLY A 283 -8.77 10.76 7.30
N SER A 284 -9.55 11.25 6.34
CA SER A 284 -9.07 12.20 5.36
C SER A 284 -9.81 13.51 5.52
N ALA A 285 -9.08 14.61 5.32
CA ALA A 285 -9.65 15.95 5.26
C ALA A 285 -9.88 16.41 3.82
N LEU A 286 -9.57 15.56 2.85
CA LEU A 286 -9.84 15.77 1.46
C LEU A 286 -10.77 14.68 0.96
N LEU A 287 -11.38 14.91 -0.19
CA LEU A 287 -12.23 13.92 -0.84
C LEU A 287 -11.37 12.99 -1.68
N GLU A 288 -11.30 11.72 -1.29
N GLU A 288 -11.33 11.72 -1.32
CA GLU A 288 -10.42 10.75 -1.93
CA GLU A 288 -10.40 10.78 -1.94
C GLU A 288 -11.07 10.20 -3.18
C GLU A 288 -11.03 10.14 -3.16
N ASP A 289 -10.28 10.13 -4.27
CA ASP A 289 -10.79 9.68 -5.56
C ASP A 289 -10.00 8.55 -6.21
N GLU A 290 -9.12 7.84 -5.48
CA GLU A 290 -8.40 6.70 -6.04
C GLU A 290 -8.90 5.34 -5.51
N PHE A 291 -10.17 5.24 -5.11
CA PHE A 291 -10.83 3.96 -4.87
C PHE A 291 -11.97 3.82 -5.87
N THR A 292 -11.93 2.79 -6.65
CA THR A 292 -13.05 2.51 -7.52
C THR A 292 -14.20 1.84 -6.77
N PRO A 293 -15.39 1.83 -7.37
CA PRO A 293 -16.48 1.03 -6.81
C PRO A 293 -16.11 -0.40 -6.54
N PHE A 294 -15.42 -1.02 -7.49
N PHE A 294 -15.40 -1.03 -7.48
CA PHE A 294 -14.96 -2.40 -7.30
CA PHE A 294 -15.00 -2.42 -7.27
C PHE A 294 -14.05 -2.50 -6.08
C PHE A 294 -14.03 -2.53 -6.11
N ASP A 295 -13.11 -1.56 -5.96
CA ASP A 295 -12.16 -1.60 -4.87
C ASP A 295 -12.87 -1.57 -3.52
N VAL A 296 -13.93 -0.76 -3.42
CA VAL A 296 -14.68 -0.66 -2.18
C VAL A 296 -15.42 -1.96 -1.91
N VAL A 297 -16.14 -2.45 -2.92
CA VAL A 297 -16.80 -3.74 -2.74
C VAL A 297 -15.80 -4.82 -2.34
N ARG A 298 -14.64 -4.86 -3.00
N ARG A 298 -14.64 -4.85 -3.00
CA ARG A 298 -13.69 -5.95 -2.76
CA ARG A 298 -13.67 -5.93 -2.79
C ARG A 298 -13.15 -5.90 -1.34
C ARG A 298 -13.13 -5.89 -1.37
N GLN A 299 -12.90 -4.71 -0.83
CA GLN A 299 -12.32 -4.60 0.49
C GLN A 299 -13.35 -4.66 1.60
N CYS A 300 -14.58 -4.27 1.32
CA CYS A 300 -15.65 -4.38 2.30
C CYS A 300 -16.38 -5.72 2.17
N SER A 301 -15.64 -6.79 1.79
CA SER A 301 -16.17 -8.13 1.56
C SER A 301 -15.11 -9.25 1.57
N GLY A 302 -13.83 -8.91 1.39
CA GLY A 302 -12.72 -9.82 1.67
C GLY A 302 -12.23 -10.83 0.63
N VAL A 303 -12.09 -10.43 -0.66
CA VAL A 303 -11.67 -11.35 -1.72
C VAL A 303 -10.15 -11.59 -1.65
N THR A 304 -9.70 -12.75 -2.15
CA THR A 304 -8.27 -13.12 -2.06
C THR A 304 -7.58 -13.53 -3.38
N SER B 1 10.68 11.78 -7.66
CA SER B 1 9.79 12.53 -6.71
C SER B 1 8.57 11.68 -6.37
N GLY B 2 7.59 12.33 -5.74
CA GLY B 2 6.41 11.65 -5.26
C GLY B 2 6.64 11.04 -3.88
N PHE B 3 5.53 10.83 -3.18
CA PHE B 3 5.63 10.26 -1.82
C PHE B 3 4.32 9.59 -1.47
N ARG B 4 4.34 8.27 -1.30
CA ARG B 4 3.16 7.49 -0.98
C ARG B 4 3.45 6.51 0.15
N LYS B 5 2.39 6.01 0.79
CA LYS B 5 2.45 4.87 1.69
C LYS B 5 2.88 3.68 0.84
N MET B 6 4.13 3.27 0.91
CA MET B 6 4.64 2.16 0.12
C MET B 6 4.78 0.97 1.04
N ALA B 7 4.17 -0.12 0.70
CA ALA B 7 4.42 -1.36 1.41
C ALA B 7 5.64 -2.08 0.85
N PHE B 8 6.14 -3.00 1.61
CA PHE B 8 7.16 -3.87 1.02
C PHE B 8 6.53 -4.89 0.08
N PRO B 9 7.29 -5.34 -0.93
CA PRO B 9 6.82 -6.43 -1.80
C PRO B 9 6.48 -7.64 -0.93
N SER B 10 5.31 -8.19 -1.13
CA SER B 10 4.77 -9.19 -0.23
C SER B 10 5.11 -10.63 -0.54
N GLY B 11 5.76 -10.93 -1.67
CA GLY B 11 5.88 -12.32 -2.14
C GLY B 11 6.54 -13.25 -1.13
N LYS B 12 7.58 -12.75 -0.44
CA LYS B 12 8.27 -13.60 0.53
C LYS B 12 7.35 -14.00 1.67
N VAL B 13 6.33 -13.21 1.99
CA VAL B 13 5.38 -13.56 3.04
C VAL B 13 4.24 -14.39 2.50
N GLU B 14 3.80 -14.07 1.29
CA GLU B 14 2.75 -14.84 0.66
C GLU B 14 3.04 -16.33 0.67
N GLY B 15 4.29 -16.70 0.41
CA GLY B 15 4.65 -18.10 0.35
C GLY B 15 4.72 -18.78 1.69
N CYS B 16 4.39 -18.04 2.75
CA CYS B 16 4.38 -18.57 4.10
C CYS B 16 2.98 -18.70 4.68
N MET B 17 1.97 -18.18 3.99
CA MET B 17 0.62 -18.16 4.54
C MET B 17 -0.10 -19.46 4.32
N VAL B 18 -0.72 -19.94 5.38
CA VAL B 18 -1.48 -21.21 5.39
C VAL B 18 -2.79 -20.95 6.11
N GLN B 19 -3.69 -21.91 5.98
CA GLN B 19 -4.97 -21.89 6.70
C GLN B 19 -4.88 -22.87 7.86
N VAL B 20 -5.29 -22.44 9.06
CA VAL B 20 -5.39 -23.32 10.23
C VAL B 20 -6.83 -23.43 10.64
N THR B 21 -7.29 -24.67 10.83
CA THR B 21 -8.68 -24.84 11.25
C THR B 21 -8.73 -25.68 12.53
N GLY B 23 -11.96 -27.11 14.88
CA GLY B 23 -13.40 -27.14 15.05
C GLY B 23 -14.11 -26.37 13.96
N THR B 24 -14.83 -25.32 14.36
CA THR B 24 -15.56 -24.46 13.45
C THR B 24 -14.77 -23.20 13.08
N THR B 25 -13.60 -23.00 13.67
CA THR B 25 -12.83 -21.75 13.54
C THR B 25 -11.70 -21.95 12.56
N THR B 26 -11.65 -21.07 11.55
CA THR B 26 -10.54 -21.03 10.63
C THR B 26 -9.93 -19.62 10.66
N LEU B 27 -8.62 -19.60 10.65
CA LEU B 27 -7.88 -18.36 10.54
C LEU B 27 -6.58 -18.68 9.82
N ASN B 28 -5.71 -17.69 9.74
CA ASN B 28 -4.46 -17.84 9.05
C ASN B 28 -3.33 -18.26 9.97
N GLY B 29 -2.33 -18.90 9.34
CA GLY B 29 -1.10 -19.24 10.03
C GLY B 29 0.11 -18.87 9.21
N LEU B 30 1.24 -18.77 9.90
CA LEU B 30 2.52 -18.42 9.28
C LEU B 30 3.48 -19.61 9.38
N TRP B 31 3.85 -20.15 8.22
CA TRP B 31 4.64 -21.38 8.08
C TRP B 31 6.07 -21.02 7.74
N LEU B 32 6.94 -21.21 8.71
CA LEU B 32 8.35 -20.96 8.54
C LEU B 32 9.09 -22.23 8.94
N ASP B 33 9.95 -22.71 8.05
CA ASP B 33 10.59 -24.04 8.26
C ASP B 33 9.48 -25.01 8.61
N ASP B 34 9.60 -25.81 9.70
CA ASP B 34 8.57 -26.79 9.99
C ASP B 34 7.63 -26.37 11.13
N VAL B 35 7.39 -25.09 11.32
CA VAL B 35 6.46 -24.64 12.33
C VAL B 35 5.43 -23.72 11.71
N VAL B 36 4.18 -23.87 12.12
CA VAL B 36 3.10 -22.94 11.76
C VAL B 36 2.72 -22.15 13.00
N TYR B 37 2.83 -20.82 12.91
CA TYR B 37 2.50 -19.91 14.00
C TYR B 37 1.12 -19.35 13.75
N CYS B 38 0.26 -19.37 14.75
CA CYS B 38 -1.06 -18.74 14.63
C CYS B 38 -1.59 -18.28 15.98
N PRO B 39 -2.65 -17.46 15.99
CA PRO B 39 -3.25 -17.06 17.28
C PRO B 39 -3.78 -18.25 18.04
N ARG B 40 -3.46 -18.29 19.33
CA ARG B 40 -3.92 -19.45 20.11
C ARG B 40 -5.45 -19.49 20.26
N HIS B 41 -6.16 -18.36 20.03
CA HIS B 41 -7.62 -18.39 20.17
C HIS B 41 -8.29 -19.23 19.10
N VAL B 42 -7.53 -19.82 18.18
CA VAL B 42 -8.10 -20.79 17.25
C VAL B 42 -8.64 -21.98 18.02
N ILE B 43 -8.13 -22.21 19.23
CA ILE B 43 -8.64 -23.38 19.96
C ILE B 43 -9.84 -23.05 20.83
N THR B 45 -13.69 -22.08 21.75
CA THR B 45 -15.02 -22.49 21.33
C THR B 45 -15.96 -21.30 21.62
N SER B 46 -17.17 -21.30 21.04
CA SER B 46 -18.12 -20.22 21.33
C SER B 46 -18.47 -20.16 22.80
N GLU B 47 -18.37 -21.27 23.50
CA GLU B 47 -18.81 -21.34 24.88
C GLU B 47 -17.92 -20.45 25.77
N ASP B 48 -16.61 -20.63 25.71
CA ASP B 48 -15.69 -19.88 26.56
C ASP B 48 -14.85 -18.96 25.67
N MET B 49 -15.38 -17.76 25.39
CA MET B 49 -14.59 -16.71 24.77
C MET B 49 -14.30 -15.55 25.72
N LEU B 50 -14.92 -15.53 26.89
CA LEU B 50 -14.65 -14.47 27.85
C LEU B 50 -13.48 -14.82 28.72
N ASN B 51 -13.36 -16.07 29.11
CA ASN B 51 -12.33 -16.45 30.08
C ASN B 51 -11.79 -17.80 29.71
N PRO B 52 -11.30 -17.96 28.47
CA PRO B 52 -10.73 -19.25 28.09
C PRO B 52 -9.52 -19.57 28.95
N ASN B 53 -9.45 -20.83 29.37
CA ASN B 53 -8.23 -21.32 29.98
C ASN B 53 -7.46 -22.05 28.89
N TYR B 54 -6.49 -21.37 28.28
CA TYR B 54 -5.84 -21.93 27.10
C TYR B 54 -5.07 -23.22 27.43
N GLU B 55 -4.41 -23.26 28.58
N GLU B 55 -4.43 -23.25 28.59
CA GLU B 55 -3.66 -24.45 28.98
CA GLU B 55 -3.67 -24.42 28.98
C GLU B 55 -4.58 -25.66 29.03
C GLU B 55 -4.57 -25.66 29.05
N ASP B 56 -5.76 -25.48 29.61
CA ASP B 56 -6.71 -26.59 29.75
C ASP B 56 -7.29 -26.97 28.40
N LEU B 57 -7.52 -25.98 27.53
CA LEU B 57 -8.07 -26.27 26.22
C LEU B 57 -7.04 -26.97 25.34
N LEU B 58 -5.75 -26.60 25.47
CA LEU B 58 -4.75 -27.18 24.59
C LEU B 58 -4.42 -28.63 24.97
N ILE B 59 -4.37 -28.93 26.28
CA ILE B 59 -3.96 -30.27 26.72
C ILE B 59 -4.94 -31.31 26.19
N ARG B 60 -6.16 -30.87 25.85
CA ARG B 60 -7.21 -31.73 25.37
C ARG B 60 -7.14 -31.99 23.87
N LYS B 61 -6.28 -31.28 23.17
N LYS B 61 -6.26 -31.29 23.17
CA LYS B 61 -6.19 -31.41 21.72
CA LYS B 61 -6.18 -31.43 21.74
C LYS B 61 -5.17 -32.48 21.36
C LYS B 61 -5.17 -32.50 21.37
N SER B 62 -5.46 -33.20 20.29
CA SER B 62 -4.48 -34.04 19.62
C SER B 62 -4.05 -33.36 18.33
N ASN B 63 -2.82 -33.66 17.90
CA ASN B 63 -2.30 -33.15 16.64
C ASN B 63 -3.29 -33.20 15.48
N HIS B 64 -4.07 -34.27 15.36
CA HIS B 64 -4.99 -34.41 14.22
C HIS B 64 -6.25 -33.57 14.37
N ASN B 65 -6.42 -32.83 15.48
CA ASN B 65 -7.50 -31.86 15.59
C ASN B 65 -7.19 -30.56 14.79
N PHE B 66 -5.93 -30.32 14.54
CA PHE B 66 -5.47 -29.14 13.78
C PHE B 66 -5.41 -29.47 12.28
N LEU B 67 -6.23 -28.79 11.48
N LEU B 67 -6.29 -28.84 11.49
CA LEU B 67 -6.27 -28.98 10.04
CA LEU B 67 -6.28 -28.96 10.03
C LEU B 67 -5.55 -27.78 9.42
C LEU B 67 -5.49 -27.75 9.50
N VAL B 68 -4.36 -28.03 8.88
CA VAL B 68 -3.50 -26.99 8.28
C VAL B 68 -3.41 -27.28 6.78
N GLN B 69 -3.77 -26.29 5.97
CA GLN B 69 -3.76 -26.41 4.50
C GLN B 69 -2.89 -25.32 3.93
N ALA B 70 -1.85 -25.71 3.16
CA ALA B 70 -1.00 -24.77 2.42
C ALA B 70 -1.44 -24.90 0.98
N GLY B 71 -2.20 -23.93 0.50
CA GLY B 71 -2.80 -24.08 -0.82
C GLY B 71 -3.75 -25.25 -0.79
N ASN B 72 -3.50 -26.23 -1.67
CA ASN B 72 -4.33 -27.43 -1.73
C ASN B 72 -3.67 -28.66 -1.10
N VAL B 73 -2.56 -28.47 -0.37
CA VAL B 73 -1.88 -29.55 0.32
C VAL B 73 -2.22 -29.45 1.80
N GLN B 74 -2.67 -30.55 2.37
CA GLN B 74 -2.86 -30.64 3.81
C GLN B 74 -1.51 -30.95 4.42
N LEU B 75 -1.12 -30.20 5.44
CA LEU B 75 0.14 -30.41 6.15
C LEU B 75 -0.20 -31.29 7.35
N ARG B 76 0.77 -32.07 7.79
CA ARG B 76 0.50 -33.00 8.90
C ARG B 76 1.11 -32.40 10.17
N VAL B 77 0.27 -32.18 11.19
CA VAL B 77 0.75 -31.65 12.47
C VAL B 77 1.31 -32.79 13.30
N ILE B 78 2.55 -32.65 13.76
CA ILE B 78 3.22 -33.70 14.52
C ILE B 78 3.60 -33.22 15.92
N GLY B 79 3.18 -32.03 16.29
CA GLY B 79 3.40 -31.59 17.67
C GLY B 79 2.84 -30.19 17.82
N HIS B 80 2.72 -29.79 19.08
CA HIS B 80 2.20 -28.43 19.30
C HIS B 80 2.64 -27.87 20.64
N SER B 81 2.70 -26.56 20.72
CA SER B 81 3.09 -25.88 21.93
C SER B 81 2.62 -24.46 21.85
N MET B 82 2.34 -23.89 23.01
CA MET B 82 1.90 -22.52 23.14
C MET B 82 3.02 -21.68 23.71
N GLN B 83 3.20 -20.48 23.13
CA GLN B 83 4.16 -19.52 23.61
C GLN B 83 3.38 -18.22 23.77
N ASN B 84 3.15 -17.83 25.03
CA ASN B 84 2.32 -16.66 25.27
C ASN B 84 1.01 -16.84 24.53
N CYS B 85 0.63 -15.90 23.65
CA CYS B 85 -0.66 -15.99 22.98
C CYS B 85 -0.55 -16.56 21.55
N VAL B 86 0.60 -17.11 21.18
N VAL B 86 0.59 -17.16 21.21
CA VAL B 86 0.73 -17.80 19.89
CA VAL B 86 0.79 -17.80 19.91
C VAL B 86 0.80 -19.31 20.11
C VAL B 86 0.87 -19.32 20.09
N LEU B 87 0.21 -20.03 19.19
CA LEU B 87 0.32 -21.48 19.06
C LEU B 87 1.34 -21.81 17.99
N LYS B 88 2.23 -22.73 18.30
CA LYS B 88 3.24 -23.20 17.37
C LYS B 88 2.92 -24.66 17.04
N LEU B 89 2.59 -24.89 15.79
CA LEU B 89 2.30 -26.24 15.31
C LEU B 89 3.50 -26.77 14.56
N LYS B 90 4.07 -27.87 15.06
CA LYS B 90 5.16 -28.53 14.35
C LYS B 90 4.52 -29.35 13.22
N VAL B 91 5.05 -29.21 12.00
CA VAL B 91 4.49 -29.94 10.89
C VAL B 91 5.59 -30.84 10.34
N ASP B 92 5.17 -31.82 9.55
N ASP B 92 5.15 -31.81 9.54
CA ASP B 92 6.10 -32.83 9.04
CA ASP B 92 6.02 -32.84 8.99
C ASP B 92 6.84 -32.38 7.79
C ASP B 92 6.83 -32.38 7.78
N THR B 93 6.59 -31.17 7.29
CA THR B 93 7.23 -30.63 6.10
C THR B 93 7.73 -29.23 6.42
N ALA B 94 9.00 -28.96 6.18
CA ALA B 94 9.50 -27.60 6.24
C ALA B 94 9.08 -26.81 5.00
N ASN B 95 8.64 -25.57 5.19
CA ASN B 95 8.20 -24.78 4.06
C ASN B 95 9.36 -24.52 3.13
N PRO B 96 9.33 -25.02 1.88
CA PRO B 96 10.48 -24.81 1.00
C PRO B 96 10.63 -23.36 0.57
N LYS B 97 9.58 -22.57 0.72
CA LYS B 97 9.66 -21.16 0.38
C LYS B 97 10.02 -20.27 1.56
N THR B 98 10.49 -20.82 2.67
CA THR B 98 10.82 -19.99 3.84
C THR B 98 11.88 -18.96 3.49
N PRO B 99 11.63 -17.68 3.69
CA PRO B 99 12.66 -16.68 3.46
C PRO B 99 13.66 -16.64 4.60
N LYS B 100 14.76 -15.96 4.38
CA LYS B 100 15.56 -15.51 5.51
C LYS B 100 14.68 -14.60 6.34
N TYR B 101 14.63 -14.83 7.66
CA TYR B 101 13.71 -14.08 8.49
C TYR B 101 14.19 -13.94 9.93
N LYS B 102 13.60 -12.97 10.62
N LYS B 102 13.56 -12.99 10.62
CA LYS B 102 13.76 -12.86 12.06
CA LYS B 102 13.76 -12.81 12.05
C LYS B 102 12.44 -12.35 12.64
C LYS B 102 12.45 -12.30 12.65
N PHE B 103 12.33 -12.46 13.95
CA PHE B 103 11.19 -11.99 14.71
C PHE B 103 11.69 -10.77 15.48
N VAL B 104 10.97 -9.66 15.39
N VAL B 104 11.01 -9.63 15.32
CA VAL B 104 11.36 -8.42 16.07
CA VAL B 104 11.35 -8.42 16.06
C VAL B 104 10.13 -7.78 16.69
C VAL B 104 10.10 -7.88 16.72
N ARG B 105 10.25 -7.33 17.93
CA ARG B 105 9.17 -6.64 18.62
C ARG B 105 9.41 -5.16 18.42
N ILE B 106 8.41 -4.44 17.92
CA ILE B 106 8.61 -3.06 17.57
C ILE B 106 8.09 -2.11 18.65
N GLN B 107 8.49 -0.84 18.56
CA GLN B 107 8.01 0.18 19.45
C GLN B 107 6.95 1.04 18.78
N PRO B 108 6.09 1.69 19.56
CA PRO B 108 5.11 2.61 18.99
C PRO B 108 5.78 3.65 18.10
N GLY B 109 5.10 3.96 16.98
CA GLY B 109 5.61 4.84 15.93
C GLY B 109 6.25 4.12 14.77
N GLN B 110 6.70 2.90 15.00
CA GLN B 110 7.30 2.10 13.96
C GLN B 110 6.23 1.71 12.94
N THR B 111 6.65 1.61 11.70
CA THR B 111 5.78 1.18 10.61
C THR B 111 6.14 -0.22 10.13
N PHE B 112 5.20 -0.80 9.40
CA PHE B 112 5.38 -2.10 8.79
C PHE B 112 4.27 -2.30 7.77
N SER B 113 4.46 -3.34 6.95
CA SER B 113 3.45 -3.73 5.97
C SER B 113 2.61 -4.86 6.53
N VAL B 114 1.31 -4.85 6.24
CA VAL B 114 0.43 -5.96 6.61
C VAL B 114 0.01 -6.67 5.33
N LEU B 115 0.10 -8.02 5.33
CA LEU B 115 -0.44 -8.82 4.24
C LEU B 115 -1.76 -9.37 4.75
N ALA B 116 -2.84 -8.69 4.41
CA ALA B 116 -4.14 -9.14 4.88
C ALA B 116 -4.52 -10.42 4.13
N CYS B 117 -4.91 -11.44 4.90
CA CYS B 117 -5.22 -12.72 4.31
C CYS B 117 -6.48 -13.32 4.89
N TYR B 118 -7.12 -14.18 4.12
CA TYR B 118 -8.34 -14.86 4.57
C TYR B 118 -8.24 -16.30 4.11
N ASN B 119 -8.51 -17.25 5.02
CA ASN B 119 -8.46 -18.64 4.63
C ASN B 119 -7.11 -19.03 4.04
N GLY B 120 -6.03 -18.45 4.57
CA GLY B 120 -4.73 -18.81 4.07
C GLY B 120 -4.36 -18.13 2.76
N SER B 121 -5.24 -17.28 2.22
CA SER B 121 -5.03 -16.65 0.91
C SER B 121 -4.88 -15.14 1.07
N PRO B 122 -3.79 -14.62 0.55
CA PRO B 122 -3.55 -13.16 0.62
C PRO B 122 -4.55 -12.38 -0.21
N SER B 123 -5.05 -11.30 0.37
CA SER B 123 -6.05 -10.39 -0.18
C SER B 123 -5.44 -9.07 -0.63
N GLY B 124 -4.50 -8.57 0.15
CA GLY B 124 -3.93 -7.26 -0.14
C GLY B 124 -2.82 -6.91 0.82
N VAL B 125 -2.10 -5.85 0.47
CA VAL B 125 -0.99 -5.40 1.30
C VAL B 125 -1.11 -3.92 1.52
N TYR B 126 -0.82 -3.50 2.76
CA TYR B 126 -0.81 -2.06 3.05
C TYR B 126 0.14 -1.77 4.19
N GLN B 127 0.40 -0.48 4.36
CA GLN B 127 1.30 0.04 5.39
C GLN B 127 0.49 0.48 6.59
N CYS B 128 1.08 0.24 7.76
CA CYS B 128 0.47 0.54 9.01
C CYS B 128 1.53 1.04 9.96
N ALA B 129 1.17 1.78 10.98
CA ALA B 129 2.06 2.14 12.08
C ALA B 129 1.51 1.59 13.38
N MET B 130 2.40 1.27 14.31
CA MET B 130 1.98 0.87 15.63
C MET B 130 1.66 2.18 16.33
N ARG B 131 0.41 2.40 16.66
CA ARG B 131 -0.01 3.63 17.30
C ARG B 131 0.55 3.74 18.71
N PRO B 132 0.63 4.96 19.26
CA PRO B 132 1.09 5.10 20.65
C PRO B 132 0.24 4.33 21.66
N ASN B 133 -1.04 4.12 21.35
CA ASN B 133 -1.89 3.35 22.22
C ASN B 133 -1.85 1.84 21.89
N PHE B 134 -0.85 1.41 21.09
CA PHE B 134 -0.58 -0.01 20.80
C PHE B 134 -1.67 -0.67 19.97
N THR B 135 -2.43 0.10 19.24
CA THR B 135 -3.35 -0.43 18.25
C THR B 135 -2.80 -0.13 16.88
N ILE B 136 -3.39 -0.75 15.87
CA ILE B 136 -3.10 -0.36 14.50
C ILE B 136 -4.41 -0.07 13.81
N LYS B 137 -4.33 0.85 12.84
CA LYS B 137 -5.48 1.25 12.05
C LYS B 137 -5.40 0.47 10.75
N GLY B 138 -6.00 -0.71 10.77
CA GLY B 138 -5.87 -1.63 9.67
C GLY B 138 -7.15 -1.75 8.88
N SER B 139 -7.17 -2.80 8.07
CA SER B 139 -8.33 -3.16 7.26
C SER B 139 -8.40 -4.68 7.37
N PHE B 140 -9.30 -5.14 8.22
CA PHE B 140 -9.44 -6.55 8.56
C PHE B 140 -10.93 -6.87 8.59
N LEU B 141 -11.26 -8.06 8.16
CA LEU B 141 -12.61 -8.60 8.34
C LEU B 141 -12.46 -9.85 9.20
N ASN B 142 -13.58 -10.37 9.70
CA ASN B 142 -13.47 -11.62 10.43
C ASN B 142 -12.78 -12.63 9.50
N GLY B 143 -11.90 -13.44 10.08
CA GLY B 143 -11.13 -14.40 9.31
C GLY B 143 -9.75 -13.94 8.95
N SER B 144 -9.43 -12.67 9.24
CA SER B 144 -8.10 -12.13 8.98
C SER B 144 -7.12 -12.42 10.09
N CYS B 145 -7.57 -13.00 11.20
CA CYS B 145 -6.62 -13.28 12.28
C CYS B 145 -5.51 -14.18 11.78
N GLY B 146 -4.29 -13.99 12.32
CA GLY B 146 -3.11 -14.67 11.85
C GLY B 146 -2.42 -13.98 10.69
N SER B 147 -3.09 -13.03 10.03
CA SER B 147 -2.35 -12.12 9.12
C SER B 147 -1.22 -11.43 9.85
N VAL B 148 -0.10 -11.17 9.15
CA VAL B 148 1.09 -10.68 9.82
C VAL B 148 1.56 -9.35 9.24
N GLY B 149 2.40 -8.70 10.06
CA GLY B 149 3.00 -7.42 9.72
C GLY B 149 4.50 -7.64 9.71
N PHE B 150 5.18 -6.96 8.79
CA PHE B 150 6.57 -7.27 8.55
C PHE B 150 7.26 -6.10 7.88
N ASN B 151 8.58 -6.10 7.94
CA ASN B 151 9.45 -5.25 7.14
C ASN B 151 10.42 -6.15 6.38
N ILE B 152 10.98 -5.64 5.31
CA ILE B 152 11.98 -6.38 4.55
C ILE B 152 13.04 -5.36 4.15
N ASP B 153 13.79 -4.83 5.12
N ASP B 153 13.70 -4.81 5.14
CA ASP B 153 14.66 -3.70 4.78
CA ASP B 153 14.93 -4.08 4.87
C ASP B 153 15.80 -4.11 3.86
C ASP B 153 15.99 -5.11 4.53
N TYR B 154 16.24 -5.37 3.95
N TYR B 154 16.77 -4.80 3.50
CA TYR B 154 17.08 -5.96 2.90
CA TYR B 154 17.97 -5.56 3.15
C TYR B 154 16.84 -7.46 2.95
C TYR B 154 17.55 -6.97 2.72
N ASP B 155 16.20 -7.98 1.90
N ASP B 155 18.06 -8.02 3.35
CA ASP B 155 15.96 -9.40 1.66
CA ASP B 155 18.02 -9.36 2.78
C ASP B 155 15.68 -10.33 2.86
C ASP B 155 16.92 -10.26 3.36
N VAL B 157 13.22 -10.95 5.98
CA VAL B 157 11.90 -10.54 6.46
C VAL B 157 11.84 -10.45 7.97
N SER B 158 11.53 -9.25 8.47
N SER B 158 11.54 -9.25 8.48
CA SER B 158 11.39 -9.02 9.91
CA SER B 158 11.42 -9.02 9.92
C SER B 158 9.91 -9.03 10.27
C SER B 158 9.93 -9.02 10.28
N PHE B 159 9.47 -10.15 10.84
CA PHE B 159 8.10 -10.30 11.29
C PHE B 159 7.94 -9.60 12.65
N CYS B 160 7.04 -8.69 12.72
CA CYS B 160 6.75 -7.84 13.85
C CYS B 160 5.36 -7.84 14.41
N TYR B 161 4.39 -8.42 13.73
CA TYR B 161 3.01 -8.33 14.18
C TYR B 161 2.21 -9.52 13.68
N MET B 162 1.31 -10.02 14.54
CA MET B 162 0.32 -11.01 14.13
C MET B 162 -1.03 -10.54 14.62
N HIS B 163 -2.02 -10.58 13.76
CA HIS B 163 -3.32 -10.00 14.07
C HIS B 163 -4.17 -10.96 14.94
N HIS B 164 -4.72 -10.41 16.04
CA HIS B 164 -5.60 -11.24 16.87
C HIS B 164 -7.02 -10.70 17.06
N MET B 165 -7.24 -9.38 17.08
CA MET B 165 -8.61 -8.96 17.34
C MET B 165 -8.90 -7.54 16.95
N GLU B 166 -10.19 -7.21 16.98
CA GLU B 166 -10.67 -5.88 16.62
C GLU B 166 -11.37 -5.28 17.81
N LEU B 167 -10.97 -4.09 18.19
CA LEU B 167 -11.51 -3.41 19.36
C LEU B 167 -12.72 -2.59 18.97
N PRO B 168 -13.53 -2.17 19.93
CA PRO B 168 -14.82 -1.56 19.58
C PRO B 168 -14.72 -0.32 18.70
N THR B 169 -13.63 0.43 18.77
CA THR B 169 -13.49 1.61 17.94
C THR B 169 -13.15 1.31 16.50
N GLY B 170 -13.06 0.05 16.10
CA GLY B 170 -12.63 -0.28 14.74
C GLY B 170 -11.14 -0.39 14.52
N VAL B 171 -10.34 -0.30 15.58
CA VAL B 171 -8.92 -0.50 15.48
C VAL B 171 -8.58 -1.94 15.88
N HIS B 172 -7.32 -2.30 15.69
CA HIS B 172 -6.90 -3.70 15.68
C HIS B 172 -5.74 -3.91 16.62
N ALA B 173 -5.67 -5.14 17.19
CA ALA B 173 -4.70 -5.45 18.23
C ALA B 173 -4.17 -6.85 18.01
N GLY B 174 -2.90 -7.06 18.37
CA GLY B 174 -2.25 -8.33 18.13
C GLY B 174 -0.97 -8.40 18.91
N THR B 175 -0.10 -9.30 18.49
CA THR B 175 1.07 -9.71 19.26
C THR B 175 2.28 -9.58 18.35
N ASP B 176 3.43 -9.68 18.97
CA ASP B 176 4.61 -9.99 18.21
C ASP B 176 4.59 -11.50 17.91
N LEU B 177 5.63 -11.99 17.21
CA LEU B 177 5.64 -13.41 16.82
C LEU B 177 6.14 -14.33 17.93
N GLU B 178 6.49 -13.78 19.08
CA GLU B 178 6.65 -14.54 20.32
C GLU B 178 5.35 -14.60 21.10
N GLY B 179 4.29 -14.03 20.57
CA GLY B 179 3.01 -14.11 21.20
C GLY B 179 2.75 -13.15 22.33
N ASN B 180 3.58 -12.11 22.53
CA ASN B 180 3.29 -11.05 23.50
C ASN B 180 2.47 -9.95 22.87
N PHE B 181 1.32 -9.63 23.46
CA PHE B 181 0.52 -8.55 22.92
C PHE B 181 1.31 -7.25 22.94
N TYR B 182 1.05 -6.40 21.95
CA TYR B 182 1.33 -4.98 22.04
C TYR B 182 0.23 -4.35 22.85
N GLY B 183 0.60 -3.56 23.85
CA GLY B 183 -0.40 -2.89 24.65
C GLY B 183 -0.96 -3.78 25.75
N PRO B 184 -1.98 -3.27 26.44
CA PRO B 184 -2.54 -3.96 27.62
C PRO B 184 -3.61 -4.99 27.29
N PHE B 185 -3.73 -5.37 26.02
CA PHE B 185 -4.83 -6.20 25.57
C PHE B 185 -4.59 -7.66 25.89
N VAL B 186 -5.68 -8.40 26.02
CA VAL B 186 -5.64 -9.84 26.20
C VAL B 186 -6.57 -10.55 25.21
N ASP B 187 -6.24 -11.81 24.87
CA ASP B 187 -7.07 -12.57 23.93
C ASP B 187 -8.27 -13.22 24.63
N ARG B 188 -9.20 -12.34 25.01
CA ARG B 188 -10.49 -12.61 25.67
C ARG B 188 -11.49 -11.58 25.13
N GLN B 189 -12.77 -11.96 25.11
CA GLN B 189 -13.81 -11.02 24.67
C GLN B 189 -14.41 -10.24 25.82
N THR B 190 -13.72 -10.19 26.94
CA THR B 190 -14.11 -9.27 28.01
C THR B 190 -13.91 -7.84 27.51
N ALA B 191 -14.71 -6.94 28.05
CA ALA B 191 -14.69 -5.54 27.66
C ALA B 191 -13.29 -4.95 27.74
N GLN B 192 -12.89 -4.32 26.66
CA GLN B 192 -11.56 -3.76 26.52
C GLN B 192 -11.69 -2.60 25.55
N ALA B 193 -10.89 -1.57 25.79
CA ALA B 193 -10.91 -0.42 24.90
C ALA B 193 -9.50 0.12 24.81
N ALA B 194 -9.18 0.64 23.63
CA ALA B 194 -7.91 1.31 23.40
C ALA B 194 -7.80 2.59 24.22
N GLY B 195 -6.60 2.87 24.71
CA GLY B 195 -6.32 4.17 25.29
C GLY B 195 -6.50 5.30 24.27
N THR B 196 -6.57 6.53 24.79
CA THR B 196 -6.72 7.68 23.90
C THR B 196 -5.51 7.77 23.00
N ASP B 197 -5.74 7.87 21.72
CA ASP B 197 -4.57 7.84 20.86
C ASP B 197 -4.01 9.24 20.72
N THR B 198 -2.74 9.29 20.32
CA THR B 198 -2.00 10.52 20.17
C THR B 198 -1.26 10.50 18.86
N THR B 199 -0.73 11.66 18.47
CA THR B 199 -0.04 11.75 17.20
C THR B 199 1.46 11.54 17.37
N ILE B 200 2.07 10.87 16.39
CA ILE B 200 3.47 10.43 16.45
C ILE B 200 4.31 11.60 15.93
N THR B 201 4.70 12.46 16.87
CA THR B 201 5.36 13.73 16.55
C THR B 201 6.57 13.53 15.65
N VAL B 202 7.45 12.60 16.04
CA VAL B 202 8.69 12.46 15.32
C VAL B 202 8.41 12.08 13.87
N ASN B 203 7.33 11.34 13.62
CA ASN B 203 7.01 10.94 12.26
C ASN B 203 6.46 12.12 11.49
N VAL B 204 5.63 12.96 12.14
CA VAL B 204 5.14 14.15 11.45
C VAL B 204 6.32 15.00 11.00
N LEU B 205 7.32 15.17 11.88
CA LEU B 205 8.49 15.98 11.51
C LEU B 205 9.24 15.35 10.33
N ALA B 206 9.40 14.02 10.35
CA ALA B 206 10.04 13.35 9.23
C ALA B 206 9.34 13.69 7.93
N TRP B 207 8.02 13.65 7.95
CA TRP B 207 7.22 13.83 6.76
C TRP B 207 7.32 15.28 6.30
N LEU B 208 7.41 16.22 7.24
CA LEU B 208 7.66 17.62 6.83
C LEU B 208 9.02 17.74 6.16
N TYR B 209 10.02 17.02 6.67
CA TYR B 209 11.31 16.94 5.98
C TYR B 209 11.16 16.30 4.60
N ALA B 210 10.35 15.25 4.47
CA ALA B 210 10.12 14.66 3.16
C ALA B 210 9.54 15.72 2.22
N ALA B 211 8.63 16.54 2.76
CA ALA B 211 7.98 17.53 1.91
C ALA B 211 8.98 18.54 1.38
N VAL B 212 9.92 18.95 2.25
CA VAL B 212 10.96 19.89 1.83
C VAL B 212 11.82 19.23 0.77
N ILE B 213 12.18 17.96 0.99
CA ILE B 213 12.99 17.26 0.01
C ILE B 213 12.28 17.21 -1.34
N ASN B 214 10.98 16.97 -1.33
CA ASN B 214 10.17 16.93 -2.55
C ASN B 214 9.93 18.34 -3.11
N GLY B 215 10.41 19.37 -2.42
CA GLY B 215 10.47 20.72 -2.97
C GLY B 215 9.44 21.73 -2.47
N ASP B 216 8.82 21.49 -1.34
CA ASP B 216 7.76 22.33 -0.81
C ASP B 216 8.24 22.95 0.49
N ARG B 217 8.11 24.29 0.60
CA ARG B 217 8.64 25.05 1.71
C ARG B 217 7.63 25.98 2.34
N TRP B 218 6.37 25.95 1.89
CA TRP B 218 5.45 27.04 2.23
C TRP B 218 5.23 27.14 3.73
N PHE B 219 5.42 26.04 4.47
CA PHE B 219 5.08 25.97 5.88
C PHE B 219 6.22 26.33 6.79
N LEU B 220 7.40 26.57 6.26
CA LEU B 220 8.48 26.96 7.13
C LEU B 220 8.26 28.39 7.64
N ASN B 221 8.99 28.73 8.69
CA ASN B 221 8.93 30.06 9.25
C ASN B 221 10.32 30.43 9.74
N ARG B 222 10.45 31.67 10.24
CA ARG B 222 11.75 32.21 10.59
C ARG B 222 12.08 31.97 12.05
N PHE B 223 11.24 31.21 12.76
CA PHE B 223 11.37 31.01 14.17
C PHE B 223 12.02 29.69 14.52
N THR B 224 12.46 29.63 15.76
CA THR B 224 12.90 28.38 16.35
C THR B 224 12.14 28.16 17.64
N THR B 225 12.51 27.09 18.34
CA THR B 225 11.90 26.78 19.62
C THR B 225 12.90 25.99 20.44
N THR B 226 12.76 26.07 21.75
CA THR B 226 13.39 25.08 22.60
C THR B 226 12.56 23.79 22.54
N LEU B 227 13.21 22.69 22.88
CA LEU B 227 12.51 21.42 22.93
C LEU B 227 11.41 21.45 23.97
N ASN B 228 11.69 22.06 25.12
CA ASN B 228 10.66 22.05 26.13
C ASN B 228 9.44 22.87 25.71
N ASP B 229 9.66 24.03 25.09
CA ASP B 229 8.51 24.83 24.68
C ASP B 229 7.74 24.14 23.59
N PHE B 230 8.45 23.41 22.71
CA PHE B 230 7.74 22.66 21.69
C PHE B 230 6.81 21.62 22.33
N ASN B 231 7.31 20.86 23.29
CA ASN B 231 6.49 19.84 23.92
C ASN B 231 5.32 20.43 24.69
N LEU B 232 5.51 21.60 25.30
CA LEU B 232 4.39 22.21 26.01
C LEU B 232 3.25 22.52 25.05
N VAL B 233 3.58 23.02 23.87
CA VAL B 233 2.56 23.33 22.87
C VAL B 233 1.98 22.04 22.30
N ALA B 234 2.85 21.16 21.83
CA ALA B 234 2.39 20.01 21.05
C ALA B 234 1.52 19.08 21.89
N MET B 235 1.81 18.96 23.17
CA MET B 235 0.94 18.19 24.07
C MET B 235 -0.49 18.71 24.08
N LYS B 236 -0.70 20.01 23.85
CA LYS B 236 -2.04 20.56 23.85
C LYS B 236 -2.82 20.16 22.61
N TYR B 237 -2.14 19.58 21.62
CA TYR B 237 -2.78 19.04 20.44
C TYR B 237 -2.78 17.52 20.43
N ASN B 238 -2.50 16.91 21.59
CA ASN B 238 -2.45 15.44 21.72
C ASN B 238 -1.34 14.83 20.88
N TYR B 239 -0.24 15.56 20.77
CA TYR B 239 0.96 15.03 20.15
C TYR B 239 1.78 14.33 21.21
N GLU B 240 2.47 13.25 20.79
CA GLU B 240 3.41 12.57 21.65
C GLU B 240 4.58 13.50 22.00
N PRO B 241 5.15 13.35 23.20
CA PRO B 241 6.37 14.11 23.51
C PRO B 241 7.48 13.78 22.53
N LEU B 242 8.26 14.81 22.18
CA LEU B 242 9.45 14.65 21.36
C LEU B 242 10.64 14.60 22.29
N THR B 243 11.45 13.55 22.13
CA THR B 243 12.57 13.30 23.02
C THR B 243 13.87 13.69 22.35
N GLN B 244 14.94 13.75 23.14
CA GLN B 244 16.24 13.97 22.55
C GLN B 244 16.61 12.84 21.60
N ASP B 245 16.17 11.61 21.86
CA ASP B 245 16.40 10.57 20.89
C ASP B 245 15.77 10.95 19.56
N HIS B 246 14.55 11.49 19.62
CA HIS B 246 13.87 11.86 18.38
C HIS B 246 14.62 12.98 17.69
N VAL B 247 15.13 13.94 18.46
CA VAL B 247 15.91 15.02 17.86
C VAL B 247 17.14 14.46 17.18
N ASP B 248 17.85 13.57 17.88
CA ASP B 248 19.03 12.92 17.30
C ASP B 248 18.67 12.19 16.02
N ILE B 249 17.56 11.44 16.04
CA ILE B 249 17.17 10.61 14.90
C ILE B 249 16.92 11.44 13.65
N LEU B 250 16.42 12.65 13.84
CA LEU B 250 16.12 13.53 12.71
C LEU B 250 17.36 14.24 12.18
N GLY B 251 18.53 14.02 12.78
CA GLY B 251 19.73 14.71 12.38
C GLY B 251 20.03 14.60 10.89
N PRO B 252 20.05 13.38 10.38
CA PRO B 252 20.33 13.18 8.93
C PRO B 252 19.43 13.98 7.99
N LEU B 253 18.13 13.96 8.25
CA LEU B 253 17.20 14.70 7.40
C LEU B 253 17.42 16.20 7.55
N SER B 254 17.68 16.65 8.78
CA SER B 254 18.09 18.03 9.03
C SER B 254 19.29 18.43 8.17
N ALA B 255 20.33 17.59 8.18
CA ALA B 255 21.52 17.85 7.38
C ALA B 255 21.20 17.85 5.90
N GLN B 256 20.43 16.87 5.45
CA GLN B 256 20.14 16.78 4.03
C GLN B 256 19.46 18.07 3.55
N THR B 257 18.56 18.63 4.37
CA THR B 257 17.73 19.75 3.95
C THR B 257 18.24 21.10 4.39
N GLY B 258 19.21 21.12 5.30
CA GLY B 258 19.67 22.35 5.90
C GLY B 258 18.70 23.04 6.82
N ILE B 259 17.68 22.34 7.31
CA ILE B 259 16.73 22.92 8.26
C ILE B 259 16.93 22.26 9.62
N ALA B 260 17.29 23.07 10.60
CA ALA B 260 17.56 22.56 11.94
C ALA B 260 16.32 21.89 12.51
N VAL B 261 16.55 20.84 13.30
CA VAL B 261 15.42 20.06 13.84
C VAL B 261 14.48 20.95 14.63
N LEU B 262 15.04 21.78 15.52
CA LEU B 262 14.17 22.65 16.30
C LEU B 262 13.53 23.78 15.48
N ASP B 263 14.13 24.19 14.36
CA ASP B 263 13.42 25.07 13.45
C ASP B 263 12.24 24.36 12.79
N MET B 264 12.42 23.11 12.35
CA MET B 264 11.26 22.39 11.85
C MET B 264 10.19 22.23 12.93
N CYS B 265 10.63 22.06 14.18
CA CYS B 265 9.66 21.99 15.27
C CYS B 265 8.84 23.26 15.33
N ALA B 266 9.48 24.41 15.07
CA ALA B 266 8.74 25.65 15.09
C ALA B 266 7.76 25.73 13.91
N SER B 267 8.10 25.15 12.77
CA SER B 267 7.14 25.08 11.68
C SER B 267 5.94 24.25 12.09
N LEU B 268 6.18 23.12 12.74
CA LEU B 268 5.05 22.30 13.16
C LEU B 268 4.14 23.02 14.16
N LYS B 269 4.76 23.71 15.12
CA LYS B 269 3.98 24.48 16.08
C LYS B 269 3.05 25.43 15.35
N GLU B 270 3.58 26.14 14.34
CA GLU B 270 2.71 27.06 13.62
C GLU B 270 1.66 26.34 12.78
N LEU B 271 1.95 25.15 12.24
CA LEU B 271 0.91 24.43 11.51
C LEU B 271 -0.22 24.01 12.43
N LEU B 272 0.11 23.66 13.67
CA LEU B 272 -0.94 23.23 14.60
C LEU B 272 -1.83 24.42 14.93
N GLN B 273 -1.24 25.60 14.98
CA GLN B 273 -2.00 26.83 15.27
C GLN B 273 -2.83 27.32 14.07
N ASN B 274 -2.31 27.22 12.88
CA ASN B 274 -2.96 27.84 11.72
C ASN B 274 -3.77 26.86 10.88
N GLY B 275 -3.46 25.55 10.95
CA GLY B 275 -3.96 24.62 9.96
C GLY B 275 -3.35 24.87 8.59
N MET B 276 -4.03 24.37 7.59
CA MET B 276 -3.46 24.32 6.25
C MET B 276 -3.85 25.50 5.38
N ASN B 277 -4.95 26.18 5.71
CA ASN B 277 -5.44 27.31 4.93
C ASN B 277 -5.65 26.87 3.48
N GLY B 278 -6.33 25.73 3.31
CA GLY B 278 -6.66 25.26 1.99
C GLY B 278 -5.50 24.71 1.18
N ARG B 279 -4.32 24.57 1.77
CA ARG B 279 -3.17 24.00 1.08
C ARG B 279 -3.02 22.54 1.48
N THR B 280 -2.09 21.86 0.79
CA THR B 280 -1.75 20.49 1.12
C THR B 280 -0.25 20.37 1.26
N ILE B 281 0.15 19.28 1.91
CA ILE B 281 1.55 18.89 2.01
C ILE B 281 1.62 17.45 1.58
N LEU B 282 2.41 17.20 0.53
CA LEU B 282 2.51 15.88 -0.08
C LEU B 282 1.13 15.27 -0.30
N GLY B 283 0.22 16.09 -0.87
CA GLY B 283 -1.11 15.59 -1.15
C GLY B 283 -2.04 15.33 0.03
N SER B 284 -1.68 15.75 1.25
CA SER B 284 -2.55 15.57 2.42
C SER B 284 -2.94 16.93 2.99
N ALA B 285 -4.20 17.04 3.44
CA ALA B 285 -4.67 18.20 4.20
C ALA B 285 -4.62 17.98 5.70
N LEU B 286 -4.05 16.87 6.12
CA LEU B 286 -3.80 16.55 7.54
C LEU B 286 -2.30 16.34 7.68
N LEU B 287 -1.82 16.48 8.91
CA LEU B 287 -0.43 16.19 9.18
C LEU B 287 -0.29 14.69 9.36
N GLU B 288 0.52 14.08 8.51
CA GLU B 288 0.68 12.63 8.43
C GLU B 288 1.71 12.13 9.43
N ASP B 289 1.37 11.08 10.20
CA ASP B 289 2.28 10.57 11.22
C ASP B 289 2.60 9.09 11.07
N GLU B 290 2.34 8.51 9.90
CA GLU B 290 2.69 7.08 9.71
C GLU B 290 3.85 6.88 8.73
N PHE B 291 4.75 7.87 8.64
CA PHE B 291 6.07 7.69 8.02
C PHE B 291 7.17 7.99 9.02
N THR B 292 8.08 7.05 9.18
CA THR B 292 9.20 7.23 10.11
C THR B 292 10.33 7.96 9.43
N PRO B 293 11.28 8.48 10.21
CA PRO B 293 12.49 9.02 9.61
C PRO B 293 13.17 8.02 8.72
N PHE B 294 13.18 6.74 9.14
CA PHE B 294 13.82 5.71 8.31
C PHE B 294 13.08 5.54 6.98
N ASP B 295 11.74 5.57 7.00
CA ASP B 295 10.95 5.45 5.79
C ASP B 295 11.22 6.59 4.81
N VAL B 296 11.32 7.80 5.34
CA VAL B 296 11.56 8.96 4.47
C VAL B 296 12.86 8.80 3.72
N VAL B 297 13.94 8.46 4.45
CA VAL B 297 15.23 8.18 3.81
C VAL B 297 15.14 7.00 2.83
N ARG B 298 14.36 5.97 3.16
CA ARG B 298 14.29 4.79 2.27
C ARG B 298 13.66 5.18 0.92
N GLN B 299 12.71 6.10 0.93
CA GLN B 299 11.88 6.40 -0.23
C GLN B 299 12.33 7.66 -0.98
N CYS B 300 12.91 8.60 -0.27
CA CYS B 300 13.35 9.83 -0.89
C CYS B 300 14.81 9.64 -1.25
N LEU C 2 13.66 10.84 -18.32
N LEU C 2 13.01 10.95 -18.26
CA LEU C 2 13.39 9.43 -18.57
CA LEU C 2 13.13 9.50 -18.44
C LEU C 2 14.06 8.58 -17.49
C LEU C 2 13.83 8.89 -17.22
N LEU D 2 -12.63 -11.49 18.86
CA LEU D 2 -11.50 -12.21 18.33
C LEU D 2 -11.76 -12.62 16.87
#